data_3IEE
#
_entry.id   3IEE
#
_cell.length_a   48.525
_cell.length_b   58.528
_cell.length_c   94.125
_cell.angle_alpha   90.00
_cell.angle_beta   90.00
_cell.angle_gamma   90.00
#
_symmetry.space_group_name_H-M   'P 21 21 21'
#
loop_
_entity.id
_entity.type
_entity.pdbx_description
1 polymer 'Putative exported protein'
2 non-polymer 1,2-ETHANEDIOL
3 water water
#
_entity_poly.entity_id   1
_entity_poly.type   'polypeptide(L)'
_entity_poly.pdbx_seq_one_letter_code
;GASCSGGDKSKAPVVSTADIENAAEVIKYYNTSLGVLKD(MSE)VKEKDVNAVLDY(MSE)EQKGKTPALSAIVPPAVVS
KDSAIVLNPGNCFNEETRRNLKQNYTGLFQARTEFYANFDTYLSYLKKKDVTNAKKLLDVNYQLSTQ(MSE)SEYKQNIF
DILSPFTEQAELVLLVDNPLKAQI(MSE)SVRK(MSE)SST(MSE)QSILNLYARKHR(MSE)DGPRIDLKVAELTKQLD
AAKKLPVVNGHEGE(MSE)KSYQAFLSQVETFIKQVKKVREKGEYSDADYD(MSE)LTSAFETSII
;
_entity_poly.pdbx_strand_id   A
#
# COMPACT_ATOMS: atom_id res chain seq x y z
N VAL A 15 29.97 7.75 -9.79
CA VAL A 15 29.41 7.14 -8.54
C VAL A 15 30.52 6.82 -7.54
N SER A 16 30.53 7.59 -6.44
CA SER A 16 31.46 7.43 -5.36
C SER A 16 30.90 6.56 -4.25
N THR A 17 31.73 6.30 -3.24
CA THR A 17 31.29 5.54 -2.08
C THR A 17 30.28 6.34 -1.22
N ALA A 18 30.38 7.67 -1.19
CA ALA A 18 29.38 8.50 -0.50
C ALA A 18 27.99 8.41 -1.16
N ASP A 19 27.97 8.48 -2.48
CA ASP A 19 26.74 8.34 -3.24
C ASP A 19 26.05 7.00 -2.93
N ILE A 20 26.86 5.95 -2.98
CA ILE A 20 26.40 4.58 -2.77
C ILE A 20 25.78 4.43 -1.37
N GLU A 21 26.45 4.95 -0.35
N GLU A 21 26.42 4.97 -0.35
CA GLU A 21 25.96 4.85 1.03
CA GLU A 21 25.92 4.78 1.01
C GLU A 21 24.64 5.56 1.14
C GLU A 21 24.66 5.63 1.24
N ASN A 22 24.60 6.80 0.63
CA ASN A 22 23.43 7.60 0.66
C ASN A 22 22.27 6.82 0.01
N ALA A 23 22.52 6.29 -1.19
CA ALA A 23 21.50 5.58 -1.95
C ALA A 23 20.99 4.35 -1.19
N ALA A 24 21.90 3.61 -0.58
CA ALA A 24 21.54 2.48 0.29
C ALA A 24 20.66 2.89 1.45
N GLU A 25 20.96 4.04 2.06
CA GLU A 25 20.15 4.50 3.19
C GLU A 25 18.74 4.82 2.76
N VAL A 26 18.61 5.41 1.57
CA VAL A 26 17.29 5.75 1.01
C VAL A 26 16.47 4.49 0.81
N ILE A 27 17.09 3.49 0.21
CA ILE A 27 16.40 2.21 -0.04
C ILE A 27 16.07 1.46 1.26
N LYS A 28 17.00 1.49 2.22
N LYS A 28 16.97 1.51 2.23
CA LYS A 28 16.79 0.96 3.56
CA LYS A 28 16.74 0.90 3.53
C LYS A 28 15.51 1.54 4.17
C LYS A 28 15.55 1.54 4.25
N TYR A 29 15.40 2.86 4.14
CA TYR A 29 14.21 3.53 4.72
C TYR A 29 12.92 3.15 4.02
N TYR A 30 12.98 3.03 2.69
CA TYR A 30 11.86 2.54 1.91
C TYR A 30 11.48 1.12 2.37
N ASN A 31 12.46 0.23 2.47
CA ASN A 31 12.15 -1.14 2.83
C ASN A 31 11.57 -1.28 4.22
N THR A 32 12.08 -0.51 5.16
CA THR A 32 11.51 -0.48 6.50
C THR A 32 10.07 0.06 6.43
N SER A 33 9.89 1.13 5.65
CA SER A 33 8.56 1.74 5.48
C SER A 33 7.55 0.77 4.89
N LEU A 34 7.97 -0.02 3.92
CA LEU A 34 7.09 -0.98 3.27
C LEU A 34 6.55 -1.95 4.30
N GLY A 35 7.44 -2.47 5.13
CA GLY A 35 7.04 -3.39 6.20
C GLY A 35 6.16 -2.79 7.28
N VAL A 36 6.52 -1.59 7.69
CA VAL A 36 5.80 -0.86 8.73
C VAL A 36 4.40 -0.51 8.26
N LEU A 37 4.30 0.00 7.04
CA LEU A 37 2.97 0.39 6.55
C LEU A 37 2.07 -0.81 6.24
N LYS A 38 2.68 -1.91 5.83
CA LYS A 38 1.97 -3.19 5.68
C LYS A 38 1.34 -3.58 7.00
N ASP A 39 2.10 -3.44 8.08
CA ASP A 39 1.71 -3.85 9.42
C ASP A 39 0.68 -2.89 10.07
N VAL A 41 -1.32 -0.46 8.52
CA VAL A 41 -2.60 -0.44 7.80
C VAL A 41 -2.78 -1.78 7.08
N LYS A 42 -3.29 -2.75 7.81
CA LYS A 42 -3.65 -4.04 7.23
C LYS A 42 -5.08 -3.90 6.71
N GLU A 43 -5.23 -3.63 5.41
CA GLU A 43 -6.53 -3.15 4.92
C GLU A 43 -7.66 -4.15 5.18
N LYS A 44 -7.41 -5.45 4.99
CA LYS A 44 -8.47 -6.43 5.28
C LYS A 44 -8.87 -6.49 6.79
N ASP A 45 -7.91 -6.29 7.69
CA ASP A 45 -8.16 -6.23 9.13
C ASP A 45 -8.98 -5.00 9.47
N VAL A 46 -8.61 -3.86 8.87
CA VAL A 46 -9.40 -2.66 9.09
C VAL A 46 -10.85 -2.83 8.57
N ASN A 47 -11.02 -3.39 7.37
CA ASN A 47 -12.33 -3.77 6.81
C ASN A 47 -13.15 -4.65 7.77
N ALA A 48 -12.45 -5.64 8.35
CA ALA A 48 -13.02 -6.56 9.33
C ALA A 48 -13.50 -5.86 10.60
N VAL A 49 -12.73 -4.89 11.10
CA VAL A 49 -13.14 -4.11 12.26
C VAL A 49 -14.42 -3.34 11.92
N LEU A 50 -14.43 -2.64 10.78
CA LEU A 50 -15.60 -1.85 10.38
C LEU A 50 -16.83 -2.73 10.12
N ASP A 51 -16.61 -3.88 9.50
CA ASP A 51 -17.69 -4.83 9.22
C ASP A 51 -18.33 -5.32 10.55
N TYR A 52 -17.49 -5.69 11.50
CA TYR A 52 -17.94 -6.09 12.84
C TYR A 52 -18.68 -4.96 13.54
N GLU A 54 -20.39 -2.57 12.13
CA GLU A 54 -21.70 -2.49 11.46
C GLU A 54 -22.62 -3.62 11.92
N GLN A 55 -22.09 -4.84 11.90
CA GLN A 55 -22.91 -6.00 12.25
C GLN A 55 -23.35 -5.99 13.70
N LYS A 56 -22.45 -5.62 14.62
CA LYS A 56 -22.74 -5.59 16.06
C LYS A 56 -23.85 -4.60 16.42
N GLY A 57 -24.06 -3.61 15.57
CA GLY A 57 -25.18 -2.70 15.72
C GLY A 57 -26.50 -3.29 15.26
N LYS A 58 -26.45 -4.44 14.56
CA LYS A 58 -27.64 -5.15 14.09
C LYS A 58 -27.98 -6.43 14.90
N THR A 59 -26.95 -7.20 15.23
N THR A 59 -26.96 -7.22 15.25
CA THR A 59 -27.07 -8.52 15.88
CA THR A 59 -27.13 -8.52 15.91
C THR A 59 -25.92 -8.67 16.89
C THR A 59 -25.93 -8.72 16.84
N PRO A 60 -26.03 -9.61 17.85
CA PRO A 60 -24.83 -9.89 18.70
C PRO A 60 -23.53 -10.34 18.02
N ALA A 61 -23.63 -10.86 16.78
CA ALA A 61 -22.47 -11.26 15.98
C ALA A 61 -21.55 -12.14 16.86
N LEU A 62 -22.13 -13.13 17.53
N LEU A 62 -22.12 -13.11 17.57
CA LEU A 62 -21.44 -13.82 18.62
CA LEU A 62 -21.39 -13.79 18.64
C LEU A 62 -20.18 -14.59 18.22
C LEU A 62 -20.11 -14.50 18.19
N SER A 63 -20.13 -15.07 16.99
CA SER A 63 -18.99 -15.87 16.53
C SER A 63 -17.74 -15.05 16.20
N ALA A 64 -17.90 -13.73 16.01
CA ALA A 64 -16.80 -12.86 15.53
C ALA A 64 -15.68 -12.72 16.52
N ILE A 65 -14.45 -12.77 16.00
CA ILE A 65 -13.26 -12.32 16.71
C ILE A 65 -12.58 -11.30 15.80
N VAL A 66 -12.61 -10.02 16.14
N VAL A 66 -12.53 -10.07 16.26
CA VAL A 66 -11.99 -9.04 15.26
CA VAL A 66 -11.94 -8.99 15.47
C VAL A 66 -10.49 -9.08 15.48
C VAL A 66 -10.41 -9.12 15.53
N PRO A 67 -9.71 -8.88 14.40
CA PRO A 67 -8.24 -8.89 14.50
C PRO A 67 -7.78 -7.77 15.46
N PRO A 68 -6.89 -8.11 16.39
CA PRO A 68 -6.35 -7.14 17.35
C PRO A 68 -5.33 -6.19 16.65
N ALA A 69 -5.15 -5.00 17.20
CA ALA A 69 -4.18 -4.06 16.59
C ALA A 69 -2.81 -4.50 17.09
N VAL A 70 -1.93 -4.85 16.15
CA VAL A 70 -0.54 -5.18 16.51
C VAL A 70 0.24 -3.96 17.00
N VAL A 71 1.19 -4.21 17.90
CA VAL A 71 2.06 -3.18 18.42
C VAL A 71 2.95 -2.69 17.28
N SER A 72 3.13 -1.38 17.24
CA SER A 72 3.98 -0.73 16.27
C SER A 72 5.42 -1.23 16.38
N LYS A 73 6.03 -1.61 15.26
CA LYS A 73 7.45 -2.02 15.20
C LYS A 73 8.21 -0.97 14.40
N ASP A 74 9.49 -0.77 14.71
CA ASP A 74 10.36 0.09 13.90
C ASP A 74 9.92 1.56 13.80
N SER A 75 9.11 1.99 14.76
CA SER A 75 8.72 3.40 14.88
C SER A 75 9.94 4.31 15.04
N ALA A 76 11.01 3.79 15.67
CA ALA A 76 12.27 4.56 15.87
C ALA A 76 12.94 4.87 14.53
N ILE A 77 12.78 3.98 13.57
CA ILE A 77 13.39 4.17 12.29
C ILE A 77 12.53 5.12 11.47
N VAL A 78 11.24 4.82 11.35
CA VAL A 78 10.41 5.59 10.38
C VAL A 78 10.15 7.05 10.85
N LEU A 79 10.14 7.25 12.16
CA LEU A 79 9.95 8.62 12.67
C LEU A 79 11.24 9.42 12.63
N ASN A 80 12.35 8.78 12.26
CA ASN A 80 13.64 9.47 12.23
C ASN A 80 14.35 9.32 10.89
N PRO A 81 13.72 9.78 9.80
CA PRO A 81 14.38 9.64 8.51
C PRO A 81 15.72 10.39 8.57
N GLY A 82 16.73 9.81 7.95
CA GLY A 82 18.09 10.33 7.97
C GLY A 82 18.32 11.45 6.97
N ASN A 83 19.54 11.97 6.98
CA ASN A 83 19.92 13.11 6.16
C ASN A 83 20.17 12.79 4.68
N CYS A 84 19.96 11.52 4.35
CA CYS A 84 19.87 11.08 2.97
C CYS A 84 18.64 11.67 2.28
N PHE A 85 17.71 12.22 3.08
CA PHE A 85 16.55 12.96 2.56
C PHE A 85 16.77 14.43 2.92
N ASN A 86 16.23 15.32 2.07
CA ASN A 86 16.33 16.75 2.37
C ASN A 86 15.40 17.13 3.52
N GLU A 87 15.60 18.30 4.11
CA GLU A 87 14.95 18.62 5.37
C GLU A 87 13.44 18.62 5.19
N GLU A 88 12.98 19.10 4.05
CA GLU A 88 11.55 19.16 3.79
C GLU A 88 10.92 17.76 3.75
N THR A 89 11.62 16.87 3.08
CA THR A 89 11.21 15.48 2.99
C THR A 89 11.17 14.83 4.36
N ARG A 90 12.22 15.06 5.14
CA ARG A 90 12.29 14.50 6.47
C ARG A 90 11.08 14.98 7.29
N ARG A 91 10.79 16.27 7.20
CA ARG A 91 9.63 16.88 7.89
C ARG A 91 8.31 16.23 7.46
N ASN A 92 8.09 16.19 6.15
CA ASN A 92 6.89 15.57 5.61
C ASN A 92 6.71 14.11 5.92
N LEU A 93 7.80 13.32 5.89
CA LEU A 93 7.72 11.91 6.34
C LEU A 93 7.33 11.77 7.81
N LYS A 94 8.00 12.51 8.71
CA LYS A 94 7.65 12.54 10.10
C LYS A 94 6.17 12.93 10.33
N GLN A 95 5.70 13.94 9.60
CA GLN A 95 4.32 14.43 9.74
C GLN A 95 3.30 13.36 9.35
N ASN A 96 3.55 12.68 8.22
CA ASN A 96 2.63 11.65 7.75
C ASN A 96 2.66 10.44 8.70
N TYR A 97 3.82 9.99 9.14
CA TYR A 97 3.88 8.88 10.11
C TYR A 97 3.20 9.26 11.42
N THR A 98 3.46 10.46 11.88
CA THR A 98 2.88 10.92 13.16
C THR A 98 1.34 10.91 13.04
N GLY A 99 0.84 11.46 11.95
CA GLY A 99 -0.59 11.47 11.65
C GLY A 99 -1.20 10.11 11.53
N LEU A 100 -0.48 9.19 10.88
CA LEU A 100 -0.92 7.81 10.77
C LEU A 100 -1.04 7.14 12.14
N PHE A 101 -0.01 7.27 12.97
CA PHE A 101 -0.01 6.59 14.26
C PHE A 101 -1.14 7.17 15.12
N GLN A 102 -1.39 8.47 14.99
CA GLN A 102 -2.46 9.15 15.77
C GLN A 102 -3.85 8.67 15.31
N ALA A 103 -4.06 8.62 13.98
CA ALA A 103 -5.34 8.17 13.44
C ALA A 103 -5.62 6.73 13.81
N ARG A 104 -4.57 5.89 13.83
CA ARG A 104 -4.71 4.49 14.15
C ARG A 104 -5.05 4.28 15.63
N THR A 105 -4.36 5.02 16.51
CA THR A 105 -4.65 5.06 17.95
C THR A 105 -6.10 5.36 18.21
N GLU A 106 -6.59 6.41 17.55
CA GLU A 106 -7.96 6.88 17.68
C GLU A 106 -8.95 5.82 17.18
N PHE A 107 -8.64 5.27 16.01
CA PHE A 107 -9.51 4.29 15.38
C PHE A 107 -9.76 3.14 16.34
N TYR A 108 -8.68 2.63 16.93
CA TYR A 108 -8.81 1.53 17.89
C TYR A 108 -9.38 1.91 19.26
N ALA A 109 -9.06 3.09 19.80
CA ALA A 109 -9.78 3.64 20.96
C ALA A 109 -11.30 3.75 20.72
N ASN A 110 -11.66 4.28 19.56
CA ASN A 110 -13.06 4.48 19.17
C ASN A 110 -13.84 3.18 19.08
N PHE A 111 -13.17 2.11 18.68
CA PHE A 111 -13.81 0.79 18.61
C PHE A 111 -14.32 0.36 19.98
N ASP A 112 -13.49 0.50 21.01
CA ASP A 112 -13.89 0.17 22.36
C ASP A 112 -15.07 1.04 22.84
N THR A 113 -14.98 2.34 22.62
CA THR A 113 -16.04 3.26 23.00
C THR A 113 -17.35 2.96 22.29
N TYR A 114 -17.25 2.57 21.03
CA TYR A 114 -18.42 2.21 20.21
C TYR A 114 -19.19 1.03 20.83
N LEU A 115 -18.44 0.03 21.27
CA LEU A 115 -19.02 -1.16 21.85
C LEU A 115 -19.72 -0.78 23.16
N SER A 116 -19.16 0.18 23.89
N SER A 116 -19.12 0.17 23.88
CA SER A 116 -19.78 0.61 25.15
CA SER A 116 -19.71 0.70 25.12
C SER A 116 -21.06 1.43 24.93
C SER A 116 -21.06 1.38 24.89
N TYR A 117 -21.08 2.28 23.91
CA TYR A 117 -22.34 2.95 23.53
C TYR A 117 -23.43 1.91 23.19
N LEU A 118 -23.08 0.90 22.40
CA LEU A 118 -24.03 -0.20 22.07
C LEU A 118 -24.52 -0.95 23.32
N LYS A 119 -23.62 -1.24 24.25
CA LYS A 119 -24.06 -1.82 25.53
C LYS A 119 -25.11 -0.96 26.20
N LYS A 120 -24.99 0.36 26.09
CA LYS A 120 -25.90 1.31 26.74
C LYS A 120 -27.12 1.65 25.85
N LYS A 121 -27.25 0.91 24.74
CA LYS A 121 -28.34 1.09 23.78
C LYS A 121 -28.34 2.47 23.12
N ASP A 122 -27.17 3.11 23.09
CA ASP A 122 -27.03 4.46 22.56
C ASP A 122 -26.66 4.37 21.07
N VAL A 123 -27.65 4.01 20.27
CA VAL A 123 -27.43 3.74 18.83
C VAL A 123 -27.06 5.02 18.10
N THR A 124 -27.54 6.14 18.61
CA THR A 124 -27.31 7.45 18.03
C THR A 124 -25.83 7.83 18.09
N ASN A 125 -25.23 7.71 19.26
CA ASN A 125 -23.79 7.93 19.44
C ASN A 125 -22.92 6.84 18.85
N ALA A 126 -23.38 5.59 18.92
CA ALA A 126 -22.67 4.51 18.23
C ALA A 126 -22.53 4.82 16.72
N LYS A 127 -23.64 5.22 16.07
CA LYS A 127 -23.59 5.47 14.60
C LYS A 127 -22.59 6.58 14.30
N LYS A 128 -22.56 7.61 15.14
CA LYS A 128 -21.61 8.72 14.94
C LYS A 128 -20.12 8.32 15.03
N LEU A 129 -19.81 7.48 16.02
CA LEU A 129 -18.46 6.92 16.17
C LEU A 129 -18.10 5.93 15.04
N LEU A 130 -19.09 5.23 14.48
CA LEU A 130 -18.86 4.39 13.32
C LEU A 130 -18.47 5.27 12.16
N ASP A 131 -19.22 6.36 11.97
CA ASP A 131 -18.93 7.27 10.86
C ASP A 131 -17.54 7.92 11.01
N VAL A 132 -17.17 8.27 12.23
CA VAL A 132 -15.83 8.78 12.48
C VAL A 132 -14.77 7.74 12.11
N ASN A 133 -15.02 6.47 12.41
CA ASN A 133 -14.05 5.43 12.08
C ASN A 133 -13.95 5.15 10.60
N TYR A 134 -15.03 5.30 9.83
CA TYR A 134 -14.89 5.21 8.37
C TYR A 134 -13.92 6.29 7.88
N GLN A 135 -14.05 7.51 8.40
N GLN A 135 -14.07 7.50 8.40
CA GLN A 135 -13.15 8.61 8.04
CA GLN A 135 -13.16 8.63 8.08
C GLN A 135 -11.69 8.40 8.47
C GLN A 135 -11.71 8.35 8.45
N LEU A 136 -11.47 7.88 9.68
CA LEU A 136 -10.12 7.55 10.16
C LEU A 136 -9.48 6.47 9.29
N SER A 137 -10.26 5.47 8.88
CA SER A 137 -9.76 4.45 7.97
C SER A 137 -9.23 5.04 6.66
N THR A 138 -10.01 5.93 6.08
CA THR A 138 -9.59 6.62 4.86
C THR A 138 -8.28 7.44 5.08
N GLN A 139 -8.21 8.14 6.21
CA GLN A 139 -7.05 8.95 6.59
C GLN A 139 -5.82 8.07 6.72
N SER A 141 -5.17 5.29 5.36
CA SER A 141 -4.75 4.81 4.06
C SER A 141 -4.11 5.92 3.24
N GLU A 142 -4.61 7.12 3.46
CA GLU A 142 -4.06 8.29 2.75
C GLU A 142 -2.65 8.63 3.24
N TYR A 143 -2.45 8.63 4.55
CA TYR A 143 -1.10 8.86 5.09
C TYR A 143 -0.10 7.82 4.56
N LYS A 144 -0.53 6.55 4.50
CA LYS A 144 0.31 5.47 4.01
C LYS A 144 0.70 5.72 2.53
N GLN A 145 -0.28 5.99 1.69
CA GLN A 145 0.04 6.24 0.31
C GLN A 145 0.91 7.51 0.16
N ASN A 146 0.62 8.55 0.96
CA ASN A 146 1.42 9.77 0.96
C ASN A 146 2.92 9.47 1.17
N ILE A 147 3.20 8.59 2.12
CA ILE A 147 4.60 8.22 2.43
C ILE A 147 5.27 7.59 1.19
N PHE A 148 4.60 6.63 0.55
CA PHE A 148 5.14 6.03 -0.68
C PHE A 148 5.37 7.08 -1.74
N ASP A 149 4.41 7.98 -1.89
CA ASP A 149 4.51 9.04 -2.91
C ASP A 149 5.71 9.97 -2.66
N ILE A 150 5.96 10.32 -1.41
CA ILE A 150 7.11 11.13 -1.00
C ILE A 150 8.41 10.44 -1.38
N LEU A 151 8.47 9.13 -1.07
CA LEU A 151 9.71 8.33 -1.28
C LEU A 151 10.05 8.06 -2.75
N SER A 152 9.01 7.93 -3.57
CA SER A 152 9.16 7.48 -4.95
C SER A 152 10.29 8.14 -5.78
N PRO A 153 10.31 9.47 -5.83
CA PRO A 153 11.40 10.13 -6.59
C PRO A 153 12.80 9.84 -6.08
N PHE A 154 12.93 9.69 -4.76
CA PHE A 154 14.23 9.49 -4.12
C PHE A 154 14.70 8.05 -4.24
N THR A 155 13.77 7.11 -4.17
CA THR A 155 14.14 5.70 -4.39
C THR A 155 14.56 5.47 -5.85
N GLU A 156 13.93 6.18 -6.78
CA GLU A 156 14.31 6.07 -8.17
C GLU A 156 15.78 6.54 -8.39
N GLN A 157 16.10 7.70 -7.83
CA GLN A 157 17.48 8.20 -7.84
C GLN A 157 18.46 7.23 -7.19
N ALA A 158 18.05 6.62 -6.08
CA ALA A 158 18.91 5.70 -5.30
C ALA A 158 19.19 4.43 -6.13
N GLU A 159 18.15 3.93 -6.80
CA GLU A 159 18.33 2.78 -7.73
C GLU A 159 19.33 3.03 -8.83
N LEU A 160 19.28 4.21 -9.43
CA LEU A 160 20.19 4.56 -10.49
C LEU A 160 21.63 4.49 -10.00
N VAL A 161 21.86 4.93 -8.77
CA VAL A 161 23.21 4.81 -8.18
C VAL A 161 23.65 3.35 -7.96
N LEU A 162 22.79 2.56 -7.32
CA LEU A 162 23.13 1.21 -6.97
C LEU A 162 23.23 0.28 -8.18
N LEU A 163 22.60 0.65 -9.29
CA LEU A 163 22.55 -0.22 -10.47
C LEU A 163 23.41 0.27 -11.60
N VAL A 164 24.28 1.24 -11.28
CA VAL A 164 25.00 2.00 -12.28
C VAL A 164 25.74 1.08 -13.28
N ASP A 165 26.32 0.00 -12.79
CA ASP A 165 27.08 -0.85 -13.70
C ASP A 165 26.34 -2.10 -14.14
N ASN A 166 25.04 -2.13 -13.91
CA ASN A 166 24.24 -3.32 -14.15
C ASN A 166 23.60 -3.25 -15.57
N PRO A 167 23.94 -4.19 -16.46
CA PRO A 167 23.40 -4.08 -17.82
C PRO A 167 21.87 -4.19 -17.88
N LEU A 168 21.25 -4.71 -16.83
CA LEU A 168 19.77 -4.81 -16.75
C LEU A 168 19.12 -3.77 -15.83
N LYS A 169 19.82 -2.66 -15.57
CA LYS A 169 19.28 -1.59 -14.72
C LYS A 169 17.87 -1.18 -15.14
N ALA A 170 17.65 -0.86 -16.42
CA ALA A 170 16.30 -0.42 -16.84
C ALA A 170 15.21 -1.45 -16.54
N GLN A 171 15.51 -2.71 -16.82
CA GLN A 171 14.55 -3.79 -16.61
C GLN A 171 14.27 -3.96 -15.10
N ILE A 172 15.34 -4.00 -14.31
CA ILE A 172 15.23 -4.11 -12.84
C ILE A 172 14.35 -2.97 -12.27
N SER A 174 12.16 -1.07 -13.87
CA SER A 174 10.79 -1.22 -14.32
C SER A 174 10.02 -2.22 -13.46
N VAL A 175 10.61 -3.36 -13.12
CA VAL A 175 9.94 -4.31 -12.26
C VAL A 175 9.64 -3.71 -10.88
N ARG A 176 10.62 -3.01 -10.30
CA ARG A 176 10.42 -2.42 -8.98
C ARG A 176 9.34 -1.36 -9.04
N LYS A 177 9.32 -0.56 -10.10
CA LYS A 177 8.36 0.53 -10.23
C LYS A 177 6.96 -0.03 -10.40
N SER A 179 5.82 -3.03 -9.72
N SER A 179 5.84 -3.04 -9.74
CA SER A 179 5.39 -3.79 -8.53
CA SER A 179 5.45 -3.77 -8.53
C SER A 179 4.81 -2.82 -7.47
C SER A 179 4.78 -2.78 -7.57
N SER A 180 5.45 -1.68 -7.30
CA SER A 180 4.92 -0.64 -6.37
C SER A 180 3.55 -0.11 -6.83
N THR A 181 3.40 0.11 -8.12
CA THR A 181 2.16 0.61 -8.65
C THR A 181 1.05 -0.41 -8.45
N GLN A 183 0.86 -2.69 -6.13
N GLN A 183 0.89 -2.73 -6.14
CA GLN A 183 0.54 -2.73 -4.69
CA GLN A 183 0.63 -2.71 -4.68
C GLN A 183 -0.32 -1.53 -4.29
C GLN A 183 -0.28 -1.54 -4.29
N SER A 184 -0.02 -0.38 -4.90
CA SER A 184 -0.81 0.82 -4.63
C SER A 184 -2.28 0.63 -5.07
N ILE A 185 -2.43 -0.02 -6.23
CA ILE A 185 -3.77 -0.29 -6.75
C ILE A 185 -4.50 -1.28 -5.83
N LEU A 186 -3.81 -2.32 -5.39
CA LEU A 186 -4.39 -3.28 -4.40
C LEU A 186 -4.87 -2.57 -3.12
N ASN A 187 -4.02 -1.72 -2.59
CA ASN A 187 -4.33 -0.97 -1.35
C ASN A 187 -5.54 -0.04 -1.50
N LEU A 188 -5.71 0.57 -2.68
N LEU A 188 -5.69 0.50 -2.70
CA LEU A 188 -6.94 1.36 -2.96
CA LEU A 188 -6.82 1.35 -3.02
C LEU A 188 -8.14 0.46 -3.11
C LEU A 188 -8.09 0.51 -3.16
N TYR A 189 -7.98 -0.63 -3.86
CA TYR A 189 -9.09 -1.54 -4.12
C TYR A 189 -9.65 -2.10 -2.78
N ALA A 190 -8.76 -2.33 -1.83
CA ALA A 190 -9.17 -2.83 -0.51
C ALA A 190 -10.03 -1.91 0.35
N ARG A 191 -10.26 -0.68 -0.08
N ARG A 191 -10.29 -0.68 -0.11
CA ARG A 191 -11.08 0.29 0.69
CA ARG A 191 -11.14 0.29 0.62
C ARG A 191 -12.56 -0.01 0.44
C ARG A 191 -12.61 -0.04 0.39
N LYS A 192 -13.02 -1.18 0.93
CA LYS A 192 -14.36 -1.71 0.74
C LYS A 192 -15.46 -0.69 1.01
N HIS A 193 -15.28 0.08 2.07
CA HIS A 193 -16.32 0.99 2.54
C HIS A 193 -16.29 2.38 1.94
N ARG A 194 -15.19 2.79 1.30
N ARG A 194 -15.26 2.66 1.14
CA ARG A 194 -15.17 4.09 0.66
CA ARG A 194 -15.05 3.96 0.55
C ARG A 194 -14.28 4.12 -0.57
C ARG A 194 -14.22 3.83 -0.74
N ASP A 196 -12.50 4.42 -4.10
CA ASP A 196 -12.19 5.56 -4.94
C ASP A 196 -11.95 5.08 -6.37
N GLY A 197 -13.03 4.79 -7.06
CA GLY A 197 -12.96 4.27 -8.43
C GLY A 197 -12.09 5.07 -9.36
N PRO A 198 -12.34 6.39 -9.44
CA PRO A 198 -11.50 7.17 -10.37
C PRO A 198 -10.01 7.16 -10.01
N ARG A 199 -9.69 7.15 -8.72
N ARG A 199 -9.67 7.13 -8.73
CA ARG A 199 -8.30 7.03 -8.28
CA ARG A 199 -8.26 7.04 -8.37
C ARG A 199 -7.68 5.70 -8.74
C ARG A 199 -7.65 5.66 -8.74
N ILE A 200 -8.42 4.59 -8.61
CA ILE A 200 -7.96 3.27 -9.14
C ILE A 200 -7.72 3.42 -10.65
N ASP A 201 -8.63 4.08 -11.36
CA ASP A 201 -8.45 4.22 -12.81
C ASP A 201 -7.19 5.03 -13.16
N LEU A 202 -6.90 6.04 -12.36
CA LEU A 202 -5.74 6.89 -12.56
C LEU A 202 -4.48 6.05 -12.38
N LYS A 203 -4.45 5.24 -11.34
CA LYS A 203 -3.28 4.41 -11.09
C LYS A 203 -3.11 3.30 -12.16
N VAL A 204 -4.21 2.76 -12.67
CA VAL A 204 -4.17 1.82 -13.80
C VAL A 204 -3.60 2.48 -15.04
N ALA A 205 -3.94 3.76 -15.24
CA ALA A 205 -3.38 4.50 -16.36
C ALA A 205 -1.88 4.73 -16.16
N GLU A 206 -1.43 4.95 -14.92
CA GLU A 206 0.02 5.07 -14.64
C GLU A 206 0.70 3.75 -14.92
N LEU A 207 0.09 2.68 -14.44
CA LEU A 207 0.65 1.33 -14.66
C LEU A 207 0.77 1.06 -16.16
N THR A 208 -0.26 1.42 -16.89
CA THR A 208 -0.24 1.26 -18.35
C THR A 208 0.92 2.03 -19.02
N LYS A 209 1.13 3.30 -18.63
CA LYS A 209 2.27 4.07 -19.10
C LYS A 209 3.59 3.39 -18.76
N GLN A 210 3.71 2.87 -17.52
CA GLN A 210 4.92 2.14 -17.14
C GLN A 210 5.13 0.92 -18.04
N LEU A 211 4.05 0.19 -18.29
CA LEU A 211 4.12 -1.03 -19.11
C LEU A 211 4.53 -0.67 -20.55
N ASP A 212 3.94 0.38 -21.11
CA ASP A 212 4.33 0.93 -22.46
C ASP A 212 5.82 1.27 -22.48
N ALA A 213 6.34 1.91 -21.42
CA ALA A 213 7.76 2.22 -21.34
C ALA A 213 8.61 0.97 -21.34
N ALA A 214 8.18 -0.02 -20.56
CA ALA A 214 8.87 -1.33 -20.42
C ALA A 214 8.94 -2.03 -21.74
N LYS A 215 7.85 -1.98 -22.51
CA LYS A 215 7.78 -2.66 -23.82
C LYS A 215 8.71 -2.05 -24.87
N LYS A 216 9.16 -0.80 -24.66
CA LYS A 216 10.11 -0.19 -25.53
C LYS A 216 11.54 -0.60 -25.24
N LEU A 217 11.81 -1.26 -24.11
CA LEU A 217 13.19 -1.49 -23.74
C LEU A 217 13.82 -2.54 -24.71
N PRO A 218 15.14 -2.45 -24.99
CA PRO A 218 15.73 -3.43 -25.87
C PRO A 218 15.96 -4.79 -25.20
N VAL A 219 16.16 -5.82 -26.03
CA VAL A 219 16.76 -7.08 -25.59
C VAL A 219 18.21 -6.82 -25.20
N VAL A 220 18.58 -7.33 -24.02
CA VAL A 220 19.95 -7.26 -23.54
C VAL A 220 20.58 -8.64 -23.78
N ASN A 221 21.61 -8.63 -24.62
N ASN A 221 21.56 -8.68 -24.66
CA ASN A 221 22.34 -9.82 -25.05
CA ASN A 221 22.20 -9.94 -25.04
C ASN A 221 23.03 -10.52 -23.85
C ASN A 221 23.00 -10.53 -23.87
N GLY A 222 23.08 -11.85 -23.85
CA GLY A 222 23.76 -12.61 -22.79
C GLY A 222 23.07 -12.75 -21.46
N HIS A 223 21.77 -12.50 -21.44
CA HIS A 223 20.92 -12.61 -20.26
C HIS A 223 19.60 -13.27 -20.65
N GLU A 224 19.72 -14.49 -21.15
N GLU A 224 19.67 -14.46 -21.26
CA GLU A 224 18.62 -15.21 -21.76
CA GLU A 224 18.45 -15.09 -21.79
C GLU A 224 17.52 -15.56 -20.75
C GLU A 224 17.47 -15.45 -20.68
N GLY A 225 17.94 -16.04 -19.59
CA GLY A 225 17.02 -16.34 -18.47
C GLY A 225 16.29 -15.12 -17.93
N GLU A 226 17.04 -14.04 -17.73
CA GLU A 226 16.52 -12.79 -17.20
C GLU A 226 15.52 -12.18 -18.19
N LYS A 228 13.67 -13.86 -20.34
CA LYS A 228 12.47 -14.65 -20.31
C LYS A 228 11.63 -14.31 -19.09
N SER A 229 12.29 -14.24 -17.93
N SER A 229 12.24 -14.20 -17.90
CA SER A 229 11.69 -13.86 -16.67
CA SER A 229 11.46 -13.88 -16.71
C SER A 229 10.97 -12.51 -16.82
C SER A 229 10.94 -12.43 -16.74
N TYR A 230 11.72 -11.53 -17.34
CA TYR A 230 11.23 -10.14 -17.49
C TYR A 230 9.98 -10.09 -18.38
N GLN A 231 10.03 -10.75 -19.53
CA GLN A 231 8.87 -10.73 -20.43
C GLN A 231 7.65 -11.48 -19.84
N ALA A 232 7.88 -12.55 -19.04
CA ALA A 232 6.78 -13.18 -18.29
C ALA A 232 6.14 -12.21 -17.30
N PHE A 233 6.98 -11.42 -16.62
CA PHE A 233 6.49 -10.40 -15.69
C PHE A 233 5.62 -9.38 -16.45
N LEU A 234 6.11 -8.89 -17.59
CA LEU A 234 5.36 -7.92 -18.39
C LEU A 234 3.98 -8.46 -18.80
N SER A 235 3.97 -9.72 -19.23
N SER A 235 3.98 -9.72 -19.24
CA SER A 235 2.72 -10.39 -19.62
CA SER A 235 2.74 -10.41 -19.60
C SER A 235 1.74 -10.44 -18.45
C SER A 235 1.76 -10.42 -18.45
N GLN A 236 2.27 -10.69 -17.26
CA GLN A 236 1.45 -10.76 -16.06
C GLN A 236 0.93 -9.39 -15.61
N VAL A 237 1.74 -8.37 -15.82
CA VAL A 237 1.29 -7.01 -15.55
C VAL A 237 0.10 -6.66 -16.45
N GLU A 238 0.20 -7.00 -17.72
CA GLU A 238 -0.86 -6.78 -18.65
C GLU A 238 -2.15 -7.52 -18.23
N THR A 239 -2.01 -8.77 -17.80
CA THR A 239 -3.15 -9.52 -17.26
C THR A 239 -3.78 -8.82 -16.06
N PHE A 240 -2.92 -8.31 -15.20
CA PHE A 240 -3.37 -7.59 -14.01
C PHE A 240 -4.17 -6.33 -14.37
N ILE A 241 -3.63 -5.55 -15.31
CA ILE A 241 -4.32 -4.35 -15.78
C ILE A 241 -5.71 -4.69 -16.28
N LYS A 242 -5.80 -5.74 -17.07
CA LYS A 242 -7.08 -6.15 -17.66
C LYS A 242 -8.08 -6.63 -16.55
N GLN A 243 -7.57 -7.35 -15.57
CA GLN A 243 -8.40 -7.80 -14.44
C GLN A 243 -8.92 -6.60 -13.64
N VAL A 244 -8.07 -5.59 -13.41
CA VAL A 244 -8.49 -4.45 -12.61
C VAL A 244 -9.58 -3.72 -13.38
N LYS A 245 -9.39 -3.56 -14.69
CA LYS A 245 -10.44 -2.95 -15.51
C LYS A 245 -11.79 -3.68 -15.46
N LYS A 246 -11.76 -5.00 -15.49
CA LYS A 246 -12.98 -5.81 -15.37
C LYS A 246 -13.66 -5.67 -14.01
N VAL A 247 -12.86 -5.70 -12.94
CA VAL A 247 -13.36 -5.47 -11.58
C VAL A 247 -13.96 -4.06 -11.43
N ARG A 248 -13.33 -3.08 -12.06
CA ARG A 248 -13.88 -1.73 -12.07
C ARG A 248 -15.20 -1.53 -12.83
N GLU A 249 -15.61 -2.52 -13.64
CA GLU A 249 -16.96 -2.51 -14.22
C GLU A 249 -18.06 -3.03 -13.28
N LYS A 250 -17.64 -3.63 -12.17
CA LYS A 250 -18.53 -4.12 -11.15
C LYS A 250 -18.81 -3.04 -10.09
N GLY A 251 -19.94 -3.18 -9.39
CA GLY A 251 -20.46 -2.07 -8.56
C GLY A 251 -20.14 -2.11 -7.06
N GLU A 252 -19.39 -3.13 -6.64
CA GLU A 252 -19.05 -3.35 -5.25
C GLU A 252 -17.75 -4.14 -5.12
N TYR A 253 -16.99 -3.81 -4.09
CA TYR A 253 -15.85 -4.62 -3.62
C TYR A 253 -16.28 -6.07 -3.31
N SER A 254 -15.40 -7.04 -3.59
CA SER A 254 -15.54 -8.36 -2.97
C SER A 254 -14.17 -8.88 -2.58
N ASP A 255 -14.10 -9.62 -1.48
CA ASP A 255 -12.87 -10.29 -1.15
C ASP A 255 -12.41 -11.22 -2.29
N ALA A 256 -13.34 -11.84 -3.02
CA ALA A 256 -12.94 -12.76 -4.12
C ALA A 256 -12.15 -11.98 -5.19
N ASP A 257 -12.67 -10.78 -5.51
CA ASP A 257 -12.01 -9.91 -6.48
C ASP A 257 -10.65 -9.44 -5.95
N TYR A 258 -10.60 -9.04 -4.67
CA TYR A 258 -9.35 -8.61 -4.09
C TYR A 258 -8.30 -9.69 -4.13
N ASP A 259 -8.72 -10.89 -3.74
CA ASP A 259 -7.83 -12.03 -3.69
C ASP A 259 -7.42 -12.44 -5.13
N LEU A 261 -6.99 -10.32 -7.59
CA LEU A 261 -5.99 -9.31 -7.98
C LEU A 261 -4.66 -9.54 -7.24
N THR A 262 -4.73 -9.81 -5.92
CA THR A 262 -3.50 -9.92 -5.12
C THR A 262 -2.80 -11.15 -5.63
N SER A 263 -3.56 -12.19 -5.94
CA SER A 263 -2.96 -13.39 -6.51
C SER A 263 -2.28 -13.15 -7.87
N ALA A 264 -2.87 -12.29 -8.69
CA ALA A 264 -2.31 -11.94 -9.99
C ALA A 264 -0.97 -11.20 -9.77
N PHE A 265 -0.97 -10.33 -8.78
CA PHE A 265 0.23 -9.61 -8.37
C PHE A 265 1.33 -10.58 -7.90
N GLU A 266 0.97 -11.43 -6.95
CA GLU A 266 1.95 -12.38 -6.38
C GLU A 266 2.55 -13.28 -7.44
N THR A 267 1.76 -13.72 -8.41
CA THR A 267 2.28 -14.57 -9.46
C THR A 267 3.28 -13.81 -10.32
N SER A 268 3.06 -12.51 -10.51
CA SER A 268 3.94 -11.73 -11.40
C SER A 268 5.34 -11.61 -10.82
N ILE A 269 5.43 -11.51 -9.51
CA ILE A 269 6.74 -11.28 -8.85
C ILE A 269 7.46 -12.60 -8.44
N ILE A 270 6.88 -13.74 -8.80
CA ILE A 270 7.45 -15.06 -8.46
C ILE A 270 8.76 -15.30 -9.23
#